data_2E43
#
_entry.id   2E43
#
_cell.length_a   101.681
_cell.length_b   112.731
_cell.length_c   74.932
_cell.angle_alpha   90.00
_cell.angle_beta   90.00
_cell.angle_gamma   90.00
#
_symmetry.space_group_name_H-M   'C 2 2 21'
#
loop_
_entity.id
_entity.type
_entity.pdbx_description
1 polymer "DNA (5'-D(P*DTP*DAP*DGP*DGP*DAP*DTP*DTP*DGP*DCP*DGP*DCP*DAP*DAP*DTP*DAP*DT)-3')"
2 polymer "DNA (5'-D(P*DAP*DAP*DTP*DAP*DTP*DTP*DGP*DCP*DGP*DCP*DAP*DAP*DTP*DCP*DCP*DT)-3')"
3 polymer 'CCAAT/enhancer-binding protein beta'
4 water water
#
loop_
_entity_poly.entity_id
_entity_poly.type
_entity_poly.pdbx_seq_one_letter_code
_entity_poly.pdbx_strand_id
1 'polydeoxyribonucleotide' (DT)(DA)(DG)(DG)(DA)(DT)(DT)(DG)(DC)(DG)(DC)(DA)(DA)(DT)(DA)(DT) C
2 'polydeoxyribonucleotide' (DA)(DA)(DT)(DA)(DT)(DT)(DG)(DC)(DG)(DC)(DA)(DA)(DT)(DC)(DC)(DT) D
3 'polypeptide(L)' VKSKAKKTVDAHSDEYKIRRERNNIAVRKSRDKAKMRNLETQHKVLELTAENERLQKKVEQLSRELSTLRNLFKQLPE A,B
#
loop_
_chem_comp.id
_chem_comp.type
_chem_comp.name
_chem_comp.formula
DA DNA linking 2'-DEOXYADENOSINE-5'-MONOPHOSPHATE 'C10 H14 N5 O6 P'
DC DNA linking 2'-DEOXYCYTIDINE-5'-MONOPHOSPHATE 'C9 H14 N3 O7 P'
DG DNA linking 2'-DEOXYGUANOSINE-5'-MONOPHOSPHATE 'C10 H14 N5 O7 P'
DT DNA linking THYMIDINE-5'-MONOPHOSPHATE 'C10 H15 N2 O8 P'
#
# COMPACT_ATOMS: atom_id res chain seq x y z
N SER C 13 37.22 -24.23 -17.28
CA SER C 13 36.16 -25.26 -17.49
C SER C 13 34.95 -24.67 -18.21
N ASP C 14 34.53 -25.32 -19.29
CA ASP C 14 33.38 -24.85 -20.06
C ASP C 14 32.09 -25.08 -19.28
N GLU C 15 32.05 -26.16 -18.51
CA GLU C 15 30.87 -26.48 -17.72
C GLU C 15 30.71 -25.40 -16.65
N TYR C 16 31.83 -24.90 -16.16
CA TYR C 16 31.81 -23.85 -15.14
C TYR C 16 31.30 -22.56 -15.79
N LYS C 17 31.75 -22.30 -17.00
CA LYS C 17 31.36 -21.11 -17.75
C LYS C 17 29.84 -21.01 -17.87
N ILE C 18 29.21 -22.04 -18.43
CA ILE C 18 27.77 -22.04 -18.60
C ILE C 18 27.09 -21.99 -17.24
N ARG C 19 27.69 -22.64 -16.25
CA ARG C 19 27.15 -22.67 -14.90
C ARG C 19 26.98 -21.24 -14.38
N ARG C 20 28.07 -20.48 -14.39
CA ARG C 20 28.03 -19.11 -13.92
C ARG C 20 27.08 -18.27 -14.78
N GLU C 21 27.19 -18.40 -16.09
CA GLU C 21 26.33 -17.66 -17.01
C GLU C 21 24.84 -17.85 -16.68
N ARG C 22 24.44 -19.10 -16.51
CA ARG C 22 23.04 -19.39 -16.20
C ARG C 22 22.63 -18.91 -14.80
N ASN C 23 23.49 -19.12 -13.81
CA ASN C 23 23.14 -18.68 -12.46
C ASN C 23 23.05 -17.15 -12.35
N ASN C 24 23.93 -16.42 -13.04
CA ASN C 24 23.87 -14.97 -12.98
C ASN C 24 22.54 -14.46 -13.54
N ILE C 25 22.03 -15.16 -14.55
CA ILE C 25 20.75 -14.82 -15.14
C ILE C 25 19.65 -15.09 -14.11
N ALA C 26 19.70 -16.26 -13.48
CA ALA C 26 18.70 -16.62 -12.48
C ALA C 26 18.73 -15.70 -11.26
N VAL C 27 19.92 -15.34 -10.82
CA VAL C 27 20.08 -14.47 -9.66
C VAL C 27 19.45 -13.11 -9.96
N ARG C 28 19.81 -12.53 -11.11
CA ARG C 28 19.28 -11.24 -11.49
C ARG C 28 17.76 -11.31 -11.60
N LYS C 29 17.25 -12.41 -12.19
CA LYS C 29 15.80 -12.56 -12.35
C LYS C 29 15.09 -12.63 -10.99
N SER C 30 15.69 -13.36 -10.06
CA SER C 30 15.14 -13.52 -8.72
C SER C 30 15.10 -12.21 -7.97
N ARG C 31 16.18 -11.45 -8.09
CA ARG C 31 16.27 -10.16 -7.42
C ARG C 31 15.32 -9.13 -8.05
N ASP C 32 15.17 -9.14 -9.36
CA ASP C 32 14.24 -8.19 -10.00
C ASP C 32 12.82 -8.49 -9.55
N LYS C 33 12.51 -9.79 -9.46
CA LYS C 33 11.18 -10.22 -9.03
C LYS C 33 10.90 -9.71 -7.63
N ALA C 34 11.88 -9.80 -6.73
CA ALA C 34 11.70 -9.32 -5.37
C ALA C 34 11.54 -7.80 -5.34
N LYS C 35 12.29 -7.11 -6.20
CA LYS C 35 12.20 -5.66 -6.26
C LYS C 35 10.82 -5.22 -6.76
N MET C 36 10.30 -5.94 -7.75
CA MET C 36 8.98 -5.63 -8.29
C MET C 36 7.92 -5.80 -7.22
N ARG C 37 7.98 -6.91 -6.49
CA ARG C 37 7.03 -7.18 -5.42
C ARG C 37 7.04 -6.03 -4.41
N ASN C 38 8.22 -5.55 -4.05
CA ASN C 38 8.32 -4.45 -3.09
C ASN C 38 7.76 -3.17 -3.66
N LEU C 39 8.05 -2.90 -4.93
CA LEU C 39 7.55 -1.71 -5.59
C LEU C 39 6.03 -1.77 -5.64
N GLU C 40 5.51 -2.97 -5.89
CA GLU C 40 4.07 -3.16 -5.97
C GLU C 40 3.41 -2.84 -4.64
N THR C 41 3.95 -3.41 -3.56
CA THR C 41 3.41 -3.18 -2.22
C THR C 41 3.39 -1.68 -1.93
N GLN C 42 4.39 -0.97 -2.44
CA GLN C 42 4.46 0.47 -2.22
C GLN C 42 3.34 1.17 -2.99
N HIS C 43 3.01 0.64 -4.16
CA HIS C 43 1.94 1.22 -4.97
C HIS C 43 0.58 0.99 -4.30
N LYS C 44 0.44 -0.13 -3.59
CA LYS C 44 -0.81 -0.40 -2.91
C LYS C 44 -1.07 0.70 -1.90
N VAL C 45 -0.02 1.10 -1.18
CA VAL C 45 -0.14 2.14 -0.17
C VAL C 45 -0.64 3.44 -0.78
N LEU C 46 -0.03 3.84 -1.89
CA LEU C 46 -0.43 5.08 -2.56
C LEU C 46 -1.86 4.94 -3.10
N GLU C 47 -2.17 3.75 -3.58
CA GLU C 47 -3.49 3.46 -4.14
C GLU C 47 -4.58 3.43 -3.06
N LEU C 48 -4.33 2.74 -1.97
CA LEU C 48 -5.28 2.65 -0.88
C LEU C 48 -5.46 3.99 -0.17
N THR C 49 -4.37 4.74 -0.08
CA THR C 49 -4.40 6.05 0.57
C THR C 49 -5.29 7.00 -0.21
N ALA C 50 -5.14 7.01 -1.53
CA ALA C 50 -5.95 7.89 -2.38
C ALA C 50 -7.41 7.51 -2.33
N GLU C 51 -7.68 6.20 -2.45
CA GLU C 51 -9.04 5.70 -2.43
C GLU C 51 -9.73 5.96 -1.08
N ASN C 52 -9.00 5.78 0.03
CA ASN C 52 -9.59 6.01 1.34
C ASN C 52 -9.97 7.49 1.49
N GLU C 53 -9.15 8.38 0.96
CA GLU C 53 -9.44 9.81 1.01
C GLU C 53 -10.71 10.08 0.21
N ARG C 54 -10.84 9.41 -0.93
CA ARG C 54 -12.00 9.60 -1.78
C ARG C 54 -13.27 9.13 -1.07
N LEU C 55 -13.21 7.97 -0.42
CA LEU C 55 -14.38 7.44 0.28
C LEU C 55 -14.72 8.30 1.50
N GLN C 56 -13.70 8.85 2.15
CA GLN C 56 -13.91 9.71 3.30
C GLN C 56 -14.68 10.96 2.89
N LYS C 57 -14.30 11.53 1.74
CA LYS C 57 -14.97 12.71 1.21
C LYS C 57 -16.41 12.35 0.84
N LYS C 58 -16.61 11.13 0.38
CA LYS C 58 -17.93 10.68 0.01
C LYS C 58 -18.79 10.60 1.27
N VAL C 59 -18.22 10.06 2.34
CA VAL C 59 -18.91 9.95 3.62
C VAL C 59 -19.36 11.33 4.09
N GLU C 60 -18.47 12.31 3.97
CA GLU C 60 -18.77 13.67 4.38
C GLU C 60 -19.85 14.27 3.48
N GLN C 61 -19.79 13.97 2.19
CA GLN C 61 -20.77 14.48 1.26
C GLN C 61 -22.15 13.91 1.61
N LEU C 62 -22.21 12.60 1.82
CA LEU C 62 -23.46 11.95 2.16
C LEU C 62 -24.04 12.51 3.46
N SER C 63 -23.18 12.73 4.46
CA SER C 63 -23.65 13.28 5.72
C SER C 63 -24.22 14.68 5.54
N ARG C 64 -23.60 15.48 4.67
CA ARG C 64 -24.10 16.83 4.43
C ARG C 64 -25.49 16.75 3.77
N GLU C 65 -25.66 15.81 2.84
CA GLU C 65 -26.95 15.68 2.16
C GLU C 65 -28.05 15.25 3.12
N LEU C 66 -27.73 14.33 4.03
CA LEU C 66 -28.71 13.87 5.00
C LEU C 66 -29.12 15.02 5.91
N SER C 67 -28.14 15.81 6.33
CA SER C 67 -28.40 16.95 7.21
C SER C 67 -29.31 17.98 6.52
N THR C 68 -29.02 18.26 5.25
CA THR C 68 -29.80 19.21 4.48
C THR C 68 -31.27 18.76 4.41
N LEU C 69 -31.48 17.49 4.04
CA LEU C 69 -32.83 16.94 3.96
C LEU C 69 -33.59 17.01 5.27
N ARG C 70 -32.94 16.57 6.35
CA ARG C 70 -33.57 16.57 7.66
C ARG C 70 -33.93 17.97 8.15
N ASN C 71 -33.25 19.00 7.64
CA ASN C 71 -33.58 20.35 8.06
C ASN C 71 -34.95 20.73 7.51
N LEU C 72 -35.33 20.09 6.41
CA LEU C 72 -36.61 20.35 5.77
C LEU C 72 -37.76 19.90 6.67
N PHE C 73 -37.42 19.17 7.72
CA PHE C 73 -38.42 18.68 8.66
C PHE C 73 -38.93 19.81 9.53
N LYS C 74 -38.09 20.80 9.78
CA LYS C 74 -38.49 21.93 10.61
C LYS C 74 -39.45 22.84 9.85
N SER D 13 46.37 -6.92 1.80
CA SER D 13 46.67 -5.60 2.43
C SER D 13 45.81 -5.38 3.68
N ASP D 14 46.40 -4.72 4.67
CA ASP D 14 45.69 -4.43 5.91
C ASP D 14 44.71 -3.28 5.72
N GLU D 15 45.17 -2.24 5.03
CA GLU D 15 44.33 -1.07 4.76
C GLU D 15 43.09 -1.52 4.00
N TYR D 16 43.33 -2.33 2.96
CA TYR D 16 42.26 -2.85 2.13
C TYR D 16 41.19 -3.55 2.97
N LYS D 17 41.61 -4.53 3.76
CA LYS D 17 40.71 -5.28 4.61
C LYS D 17 39.84 -4.35 5.46
N ILE D 18 40.47 -3.36 6.08
CA ILE D 18 39.78 -2.40 6.94
C ILE D 18 38.67 -1.68 6.16
N ARG D 19 39.04 -1.14 5.00
CA ARG D 19 38.10 -0.40 4.17
C ARG D 19 36.94 -1.28 3.71
N ARG D 20 37.23 -2.51 3.30
CA ARG D 20 36.19 -3.41 2.85
C ARG D 20 35.24 -3.75 4.01
N GLU D 21 35.80 -4.09 5.16
CA GLU D 21 34.99 -4.42 6.32
C GLU D 21 34.00 -3.31 6.66
N ARG D 22 34.45 -2.06 6.59
CA ARG D 22 33.58 -0.94 6.89
C ARG D 22 32.39 -0.90 5.94
N ASN D 23 32.64 -1.08 4.65
CA ASN D 23 31.55 -1.07 3.68
C ASN D 23 30.63 -2.27 3.90
N ASN D 24 31.20 -3.45 4.14
CA ASN D 24 30.36 -4.62 4.33
C ASN D 24 29.39 -4.41 5.49
N ILE D 25 29.88 -3.74 6.54
CA ILE D 25 29.03 -3.46 7.70
C ILE D 25 27.94 -2.47 7.26
N ALA D 26 28.33 -1.47 6.48
CA ALA D 26 27.39 -0.47 5.99
C ALA D 26 26.32 -1.12 5.11
N VAL D 27 26.75 -2.05 4.27
CA VAL D 27 25.85 -2.76 3.37
C VAL D 27 24.80 -3.55 4.15
N ARG D 28 25.24 -4.32 5.14
CA ARG D 28 24.27 -5.08 5.93
C ARG D 28 23.28 -4.13 6.59
N LYS D 29 23.76 -2.97 7.06
CA LYS D 29 22.88 -2.01 7.72
C LYS D 29 21.83 -1.46 6.75
N SER D 30 22.28 -1.12 5.54
CA SER D 30 21.41 -0.57 4.50
C SER D 30 20.35 -1.60 4.08
N ARG D 31 20.78 -2.85 3.90
CA ARG D 31 19.86 -3.91 3.51
C ARG D 31 18.84 -4.16 4.61
N ASP D 32 19.27 -4.12 5.88
CA ASP D 32 18.36 -4.33 6.99
C ASP D 32 17.26 -3.28 6.96
N LYS D 33 17.64 -2.01 6.82
CA LYS D 33 16.68 -0.92 6.80
C LYS D 33 15.69 -1.04 5.65
N ALA D 34 16.19 -1.38 4.46
CA ALA D 34 15.32 -1.54 3.30
C ALA D 34 14.34 -2.70 3.54
N LYS D 35 14.83 -3.80 4.10
CA LYS D 35 13.95 -4.93 4.37
C LYS D 35 12.93 -4.59 5.44
N MET D 36 13.34 -3.79 6.42
CA MET D 36 12.43 -3.39 7.48
C MET D 36 11.36 -2.46 6.90
N ARG D 37 11.81 -1.52 6.09
CA ARG D 37 10.92 -0.56 5.44
C ARG D 37 9.86 -1.35 4.69
N ASN D 38 10.29 -2.44 4.07
CA ASN D 38 9.38 -3.29 3.31
C ASN D 38 8.33 -3.88 4.24
N LEU D 39 8.76 -4.44 5.37
CA LEU D 39 7.82 -5.01 6.32
C LEU D 39 6.82 -3.96 6.79
N GLU D 40 7.33 -2.76 7.06
CA GLU D 40 6.47 -1.68 7.51
C GLU D 40 5.43 -1.36 6.43
N THR D 41 5.87 -1.28 5.18
CA THR D 41 4.98 -0.98 4.07
C THR D 41 3.89 -2.05 3.96
N GLN D 42 4.26 -3.30 4.22
CA GLN D 42 3.30 -4.40 4.17
C GLN D 42 2.24 -4.24 5.28
N HIS D 43 2.69 -3.82 6.46
CA HIS D 43 1.77 -3.61 7.59
C HIS D 43 0.84 -2.45 7.27
N LYS D 44 1.36 -1.45 6.57
CA LYS D 44 0.57 -0.29 6.19
C LYS D 44 -0.55 -0.71 5.25
N VAL D 45 -0.26 -1.65 4.35
CA VAL D 45 -1.27 -2.13 3.41
C VAL D 45 -2.42 -2.81 4.16
N LEU D 46 -2.08 -3.63 5.15
CA LEU D 46 -3.09 -4.32 5.94
C LEU D 46 -3.95 -3.29 6.68
N GLU D 47 -3.30 -2.26 7.20
CA GLU D 47 -3.96 -1.18 7.93
C GLU D 47 -4.89 -0.38 7.01
N LEU D 48 -4.38 0.02 5.86
CA LEU D 48 -5.16 0.79 4.91
C LEU D 48 -6.30 -0.04 4.35
N THR D 49 -6.07 -1.33 4.16
CA THR D 49 -7.11 -2.21 3.64
C THR D 49 -8.23 -2.33 4.65
N ALA D 50 -7.88 -2.44 5.93
CA ALA D 50 -8.89 -2.55 6.97
C ALA D 50 -9.74 -1.27 6.98
N GLU D 51 -9.06 -0.13 6.91
CA GLU D 51 -9.72 1.16 6.90
C GLU D 51 -10.60 1.33 5.66
N ASN D 52 -10.17 0.73 4.55
CA ASN D 52 -10.93 0.82 3.31
C ASN D 52 -12.25 0.04 3.45
N GLU D 53 -12.19 -1.13 4.09
CA GLU D 53 -13.38 -1.93 4.27
C GLU D 53 -14.36 -1.19 5.19
N ARG D 54 -13.82 -0.54 6.21
CA ARG D 54 -14.65 0.23 7.15
C ARG D 54 -15.33 1.38 6.41
N LEU D 55 -14.57 2.11 5.60
CA LEU D 55 -15.13 3.24 4.86
C LEU D 55 -16.19 2.78 3.86
N GLN D 56 -15.94 1.66 3.19
CA GLN D 56 -16.90 1.15 2.22
C GLN D 56 -18.23 0.83 2.92
N LYS D 57 -18.16 0.16 4.06
CA LYS D 57 -19.37 -0.17 4.77
C LYS D 57 -20.11 1.11 5.16
N LYS D 58 -19.36 2.11 5.60
CA LYS D 58 -19.93 3.39 5.99
C LYS D 58 -20.63 4.08 4.82
N VAL D 59 -19.98 4.10 3.65
CA VAL D 59 -20.54 4.71 2.45
C VAL D 59 -21.84 4.01 2.05
N GLU D 60 -21.83 2.68 2.10
CA GLU D 60 -23.02 1.93 1.74
C GLU D 60 -24.15 2.19 2.74
N GLN D 61 -23.80 2.20 4.02
CA GLN D 61 -24.82 2.43 5.04
C GLN D 61 -25.47 3.81 4.89
N LEU D 62 -24.66 4.85 4.72
CA LEU D 62 -25.17 6.20 4.54
C LEU D 62 -25.93 6.38 3.23
N SER D 63 -25.45 5.75 2.16
CA SER D 63 -26.13 5.85 0.87
C SER D 63 -27.55 5.27 0.98
N ARG D 64 -27.70 4.12 1.64
CA ARG D 64 -29.02 3.53 1.79
C ARG D 64 -29.90 4.40 2.67
N GLU D 65 -29.30 4.97 3.72
CA GLU D 65 -30.03 5.84 4.63
C GLU D 65 -30.56 7.04 3.89
N LEU D 66 -29.70 7.63 3.05
CA LEU D 66 -30.08 8.80 2.28
C LEU D 66 -31.14 8.45 1.23
N SER D 67 -30.96 7.33 0.55
CA SER D 67 -31.91 6.91 -0.48
C SER D 67 -33.31 6.72 0.11
N THR D 68 -33.39 6.06 1.26
CA THR D 68 -34.67 5.84 1.90
C THR D 68 -35.31 7.17 2.29
N LEU D 69 -34.52 8.07 2.83
CA LEU D 69 -35.04 9.37 3.26
C LEU D 69 -35.54 10.18 2.06
N ARG D 70 -34.79 10.16 0.96
CA ARG D 70 -35.20 10.88 -0.24
C ARG D 70 -36.51 10.32 -0.76
N ASN D 71 -36.67 9.00 -0.71
CA ASN D 71 -37.91 8.38 -1.18
C ASN D 71 -39.10 8.87 -0.39
N LEU D 72 -38.93 9.00 0.92
CA LEU D 72 -39.99 9.48 1.79
C LEU D 72 -40.42 10.88 1.41
N PHE D 73 -39.46 11.81 1.31
CA PHE D 73 -39.81 13.17 0.95
C PHE D 73 -40.49 13.23 -0.41
N LYS D 74 -39.98 12.45 -1.35
CA LYS D 74 -40.53 12.42 -2.70
C LYS D 74 -42.00 12.03 -2.70
N GLN D 75 -42.40 11.23 -1.71
CA GLN D 75 -43.79 10.78 -1.60
C GLN D 75 -44.71 11.92 -1.20
N LEU D 76 -44.15 13.01 -0.67
CA LEU D 76 -44.93 14.17 -0.26
C LEU D 76 -45.54 14.87 -1.46
#